data_4R5K
#
_entry.id   4R5K
#
_cell.length_a   43.636
_cell.length_b   44.827
_cell.length_c   63.174
_cell.angle_alpha   77.30
_cell.angle_beta   78.14
_cell.angle_gamma   72.96
#
_symmetry.space_group_name_H-M   'P 1'
#
loop_
_entity.id
_entity.type
_entity.pdbx_description
1 polymer 'Chaperone protein DnaK'
2 non-polymer 'SULFATE ION'
3 non-polymer 'CALCIUM ION'
4 water water
#
_entity_poly.entity_id   1
_entity_poly.type   'polypeptide(L)'
_entity_poly.pdbx_seq_one_letter_code
;MHHHHHHIEVLLLDVTPLSLGIETMGGVMTTLIAKNTTIPTKHSQVFSTAEDNQSAVTIHVLQGERKRAADNKSLGQFNL
DGINPAPRGMPQIEVTFDIDADGILHVSAKDKNSGKEQKITIKASSGLNEDEIQKMVRDAEANAEADRKFEELVQTRNQG
DHLLHSTRKQVEEAGDKLPADDKTAIESALTALETALKGEDKAAIEAKMQELAQVSQKLMEIAQQQHA
;
_entity_poly.pdbx_strand_id   A,B
#
loop_
_chem_comp.id
_chem_comp.type
_chem_comp.name
_chem_comp.formula
CA non-polymer 'CALCIUM ION' 'Ca 2'
SO4 non-polymer 'SULFATE ION' 'O4 S -2'
#
# COMPACT_ATOMS: atom_id res chain seq x y z
N HIS A 2 4.45 13.20 32.39
CA HIS A 2 5.49 12.21 32.11
C HIS A 2 5.64 12.02 30.60
N HIS A 3 5.83 13.11 29.89
CA HIS A 3 5.86 13.08 28.44
C HIS A 3 7.22 12.69 27.84
N HIS A 4 7.14 12.17 26.62
CA HIS A 4 8.28 11.83 25.78
C HIS A 4 7.99 12.59 24.49
N HIS A 5 9.00 12.75 23.66
CA HIS A 5 8.96 13.80 22.67
C HIS A 5 9.47 13.34 21.31
N HIS A 6 9.34 12.04 21.05
CA HIS A 6 9.74 11.46 19.76
C HIS A 6 8.55 10.88 18.99
N HIS A 7 7.32 11.26 19.36
CA HIS A 7 6.14 10.65 18.74
C HIS A 7 5.98 11.14 17.30
N ILE A 8 5.36 10.28 16.48
CA ILE A 8 5.06 10.61 15.09
C ILE A 8 3.55 10.58 14.89
N GLU A 9 2.99 11.53 14.14
CA GLU A 9 1.56 11.62 14.04
C GLU A 9 1.18 11.39 12.60
N VAL A 10 0.06 10.69 12.41
CA VAL A 10 -0.48 10.50 11.07
C VAL A 10 -1.20 11.77 10.62
N LEU A 11 -1.00 12.15 9.36
CA LEU A 11 -1.74 13.26 8.75
C LEU A 11 -2.95 12.70 8.01
N LEU A 12 -4.16 12.91 8.50
CA LEU A 12 -5.30 12.35 7.78
C LEU A 12 -6.04 13.43 7.01
N LEU A 13 -5.89 13.43 5.70
CA LEU A 13 -6.58 14.38 4.84
C LEU A 13 -7.73 13.84 3.97
N ASP A 14 -7.67 12.56 3.57
CA ASP A 14 -8.71 11.96 2.70
C ASP A 14 -8.39 10.47 2.48
N VAL A 15 -9.34 9.72 1.93
CA VAL A 15 -9.07 8.31 1.57
C VAL A 15 -9.58 8.10 0.16
N THR A 16 -9.03 7.12 -0.53
CA THR A 16 -9.49 6.85 -1.90
C THR A 16 -10.84 6.14 -1.86
N PRO A 17 -11.76 6.54 -2.76
CA PRO A 17 -13.10 5.94 -2.81
C PRO A 17 -13.16 4.60 -3.54
N LEU A 18 -12.23 4.38 -4.48
CA LEU A 18 -12.21 3.15 -5.25
C LEU A 18 -10.76 2.75 -5.50
N SER A 19 -10.53 1.48 -5.75
CA SER A 19 -9.20 1.01 -6.06
C SER A 19 -8.69 1.61 -7.35
N LEU A 20 -7.37 1.76 -7.45
CA LEU A 20 -6.68 2.33 -8.62
C LEU A 20 -5.59 1.38 -9.06
N GLY A 21 -5.51 1.06 -10.36
CA GLY A 21 -4.44 0.14 -10.77
C GLY A 21 -4.29 0.12 -12.28
N ILE A 22 -3.75 -0.97 -12.80
CA ILE A 22 -3.48 -1.05 -14.23
C ILE A 22 -3.93 -2.37 -14.79
N GLU A 23 -4.14 -2.44 -16.11
CA GLU A 23 -4.45 -3.72 -16.69
C GLU A 23 -3.19 -4.58 -16.88
N THR A 24 -3.28 -5.87 -16.53
CA THR A 24 -2.14 -6.78 -16.77
C THR A 24 -2.56 -7.99 -17.59
N MET A 25 -1.57 -8.73 -18.06
CA MET A 25 -1.75 -9.87 -18.97
C MET A 25 -2.95 -10.73 -18.63
N GLY A 26 -3.84 -10.89 -19.61
CA GLY A 26 -5.00 -11.71 -19.38
C GLY A 26 -6.24 -10.89 -19.08
N GLY A 27 -6.11 -9.55 -19.11
CA GLY A 27 -7.24 -8.67 -18.92
C GLY A 27 -7.64 -8.46 -17.47
N VAL A 28 -6.65 -8.54 -16.57
CA VAL A 28 -6.86 -8.41 -15.13
C VAL A 28 -6.59 -6.97 -14.64
N MET A 29 -7.37 -6.46 -13.69
CA MET A 29 -6.97 -5.20 -13.05
C MET A 29 -6.07 -5.54 -11.87
N THR A 30 -4.84 -5.07 -11.95
CA THR A 30 -3.88 -5.25 -10.85
C THR A 30 -3.87 -3.96 -10.07
N THR A 31 -4.18 -4.03 -8.77
CA THR A 31 -4.34 -2.82 -7.97
C THR A 31 -3.00 -2.28 -7.47
N LEU A 32 -2.81 -0.97 -7.62
CA LEU A 32 -1.64 -0.27 -7.05
C LEU A 32 -1.99 0.46 -5.79
N ILE A 33 -3.18 1.05 -5.77
CA ILE A 33 -3.67 1.70 -4.56
C ILE A 33 -5.05 1.18 -4.24
N ALA A 34 -5.17 0.45 -3.14
CA ALA A 34 -6.45 -0.14 -2.75
C ALA A 34 -7.45 0.92 -2.33
N LYS A 35 -8.72 0.59 -2.48
CA LYS A 35 -9.80 1.39 -1.94
C LYS A 35 -9.54 1.63 -0.44
N ASN A 36 -9.81 2.85 -0.01
CA ASN A 36 -9.66 3.28 1.41
C ASN A 36 -8.25 3.54 1.88
N THR A 37 -7.32 3.70 0.95
CA THR A 37 -5.95 4.05 1.32
C THR A 37 -5.96 5.53 1.67
N THR A 38 -5.33 5.89 2.78
CA THR A 38 -5.23 7.31 3.09
C THR A 38 -4.35 8.07 2.09
N ILE A 39 -4.82 9.25 1.70
CA ILE A 39 -4.02 10.09 0.82
C ILE A 39 -3.60 11.36 1.54
N PRO A 40 -2.49 11.98 1.13
CA PRO A 40 -1.54 11.65 0.04
C PRO A 40 -0.78 10.37 0.28
N THR A 41 -0.43 9.67 -0.80
CA THR A 41 0.28 8.41 -0.71
C THR A 41 1.03 8.15 -2.00
N LYS A 42 2.05 7.30 -1.96
CA LYS A 42 2.73 6.87 -3.17
C LYS A 42 2.98 5.37 -3.08
N HIS A 43 2.51 4.64 -4.09
CA HIS A 43 2.63 3.16 -4.11
C HIS A 43 3.25 2.78 -5.44
N SER A 44 4.25 1.89 -5.42
CA SER A 44 4.73 1.36 -6.69
C SER A 44 4.82 -0.14 -6.62
N GLN A 45 4.86 -0.75 -7.79
CA GLN A 45 5.07 -2.21 -7.89
C GLN A 45 5.89 -2.44 -9.15
N VAL A 46 6.68 -3.51 -9.19
CA VAL A 46 7.52 -3.77 -10.35
C VAL A 46 6.90 -4.84 -11.22
N PHE A 47 6.84 -4.56 -12.53
CA PHE A 47 6.26 -5.45 -13.54
C PHE A 47 7.30 -5.81 -14.58
N SER A 48 6.92 -6.66 -15.53
CA SER A 48 7.85 -7.00 -16.61
C SER A 48 7.10 -7.20 -17.92
N THR A 49 7.86 -7.57 -18.96
CA THR A 49 7.29 -7.81 -20.28
C THR A 49 6.69 -9.21 -20.33
N ALA A 50 5.86 -9.47 -21.33
CA ALA A 50 5.15 -10.75 -21.46
C ALA A 50 5.69 -11.62 -22.59
N GLU A 51 6.60 -11.08 -23.39
CA GLU A 51 7.25 -11.91 -24.42
C GLU A 51 8.69 -11.52 -24.67
N ASP A 52 9.46 -12.44 -25.25
CA ASP A 52 10.88 -12.20 -25.51
C ASP A 52 11.06 -10.96 -26.38
N ASN A 53 12.08 -10.17 -26.08
CA ASN A 53 12.43 -9.00 -26.88
C ASN A 53 11.35 -7.95 -27.06
N GLN A 54 10.40 -7.90 -26.13
CA GLN A 54 9.35 -6.88 -26.21
C GLN A 54 9.96 -5.49 -25.99
N SER A 55 9.64 -4.53 -26.85
CA SER A 55 10.27 -3.21 -26.70
C SER A 55 9.41 -2.14 -26.03
N ALA A 56 8.12 -2.42 -25.83
CA ALA A 56 7.23 -1.40 -25.27
C ALA A 56 6.13 -2.05 -24.45
N VAL A 57 5.59 -1.32 -23.49
CA VAL A 57 4.41 -1.79 -22.76
C VAL A 57 3.37 -0.69 -22.80
N THR A 58 2.10 -1.05 -22.70
CA THR A 58 1.03 -0.06 -22.59
C THR A 58 0.48 -0.10 -21.19
N ILE A 59 0.46 1.04 -20.55
CA ILE A 59 -0.12 1.18 -19.23
C ILE A 59 -1.54 1.72 -19.35
N HIS A 60 -2.53 0.90 -18.99
CA HIS A 60 -3.93 1.33 -19.02
C HIS A 60 -4.38 1.56 -17.59
N VAL A 61 -4.69 2.81 -17.23
CA VAL A 61 -4.99 3.15 -15.85
C VAL A 61 -6.48 2.95 -15.59
N LEU A 62 -6.78 2.24 -14.51
CA LEU A 62 -8.12 1.79 -14.20
C LEU A 62 -8.56 2.20 -12.81
N GLN A 63 -9.87 2.37 -12.65
CA GLN A 63 -10.46 2.71 -11.35
C GLN A 63 -11.66 1.81 -11.10
N GLY A 64 -11.72 1.12 -9.97
CA GLY A 64 -12.86 0.27 -9.66
C GLY A 64 -12.49 -0.98 -8.87
N GLU A 65 -13.47 -1.81 -8.53
CA GLU A 65 -13.24 -2.96 -7.65
C GLU A 65 -13.33 -4.30 -8.32
N ARG A 66 -13.54 -4.32 -9.63
CA ARG A 66 -13.71 -5.59 -10.28
C ARG A 66 -12.36 -6.18 -10.70
N LYS A 67 -12.29 -7.50 -10.84
CA LYS A 67 -11.03 -8.11 -11.28
C LYS A 67 -10.80 -8.13 -12.80
N ARG A 68 -11.88 -8.11 -13.59
CA ARG A 68 -11.73 -8.00 -15.04
C ARG A 68 -11.52 -6.54 -15.37
N ALA A 69 -10.45 -6.23 -16.10
CA ALA A 69 -10.11 -4.85 -16.38
C ALA A 69 -11.24 -4.14 -17.09
N ALA A 70 -11.89 -4.84 -18.02
CA ALA A 70 -12.93 -4.26 -18.85
C ALA A 70 -14.14 -3.83 -18.03
N ASP A 71 -14.28 -4.34 -16.81
CA ASP A 71 -15.42 -4.01 -15.95
C ASP A 71 -15.18 -2.80 -15.06
N ASN A 72 -14.02 -2.16 -15.24
CA ASN A 72 -13.66 -1.01 -14.46
C ASN A 72 -13.69 0.26 -15.27
N LYS A 73 -13.52 1.39 -14.60
CA LYS A 73 -13.50 2.69 -15.29
C LYS A 73 -12.12 2.97 -15.85
N SER A 74 -12.08 3.55 -17.05
CA SER A 74 -10.80 3.91 -17.66
C SER A 74 -10.40 5.33 -17.28
N LEU A 75 -9.17 5.52 -16.78
CA LEU A 75 -8.77 6.88 -16.44
C LEU A 75 -7.73 7.43 -17.41
N GLY A 76 -7.08 6.57 -18.18
CA GLY A 76 -6.04 7.06 -19.06
C GLY A 76 -5.13 5.98 -19.55
N GLN A 77 -4.26 6.30 -20.49
CA GLN A 77 -3.30 5.27 -20.93
C GLN A 77 -2.07 5.92 -21.51
N PHE A 78 -0.96 5.19 -21.49
CA PHE A 78 0.28 5.66 -22.13
C PHE A 78 1.18 4.50 -22.41
N ASN A 79 2.16 4.71 -23.30
CA ASN A 79 3.19 3.70 -23.59
C ASN A 79 4.53 4.06 -22.97
N LEU A 80 5.27 3.03 -22.60
CA LEU A 80 6.68 3.20 -22.30
C LEU A 80 7.39 2.40 -23.36
N ASP A 81 8.16 3.11 -24.19
CA ASP A 81 8.90 2.47 -25.27
CA ASP A 81 8.91 2.52 -25.28
C ASP A 81 10.37 2.35 -24.87
N GLY A 82 11.19 1.74 -25.73
CA GLY A 82 12.61 1.74 -25.49
C GLY A 82 13.17 0.68 -24.56
N ILE A 83 12.40 -0.38 -24.30
CA ILE A 83 12.86 -1.46 -23.41
C ILE A 83 13.87 -2.27 -24.20
N ASN A 84 15.09 -2.39 -23.66
CA ASN A 84 16.16 -3.13 -24.32
C ASN A 84 15.83 -4.61 -24.45
N PRO A 85 16.19 -5.22 -25.59
CA PRO A 85 15.89 -6.64 -25.84
C PRO A 85 16.42 -7.55 -24.73
N ALA A 86 15.52 -8.39 -24.23
CA ALA A 86 15.83 -9.27 -23.12
C ALA A 86 14.74 -10.32 -23.09
N PRO A 87 15.01 -11.46 -22.43
CA PRO A 87 13.99 -12.50 -22.32
C PRO A 87 12.75 -11.99 -21.61
N ARG A 88 11.60 -12.60 -21.92
CA ARG A 88 10.36 -12.28 -21.23
C ARG A 88 10.57 -12.31 -19.74
N GLY A 89 10.08 -11.29 -19.02
CA GLY A 89 10.13 -11.37 -17.58
C GLY A 89 11.40 -10.87 -16.93
N MET A 90 12.40 -10.52 -17.75
CA MET A 90 13.64 -9.96 -17.21
C MET A 90 13.63 -8.43 -17.00
N PRO A 91 13.09 -7.65 -17.96
CA PRO A 91 13.05 -6.20 -17.70
C PRO A 91 12.28 -5.84 -16.43
N GLN A 92 12.72 -4.80 -15.73
CA GLN A 92 12.06 -4.39 -14.49
C GLN A 92 11.44 -3.03 -14.71
N ILE A 93 10.12 -3.01 -14.78
CA ILE A 93 9.39 -1.77 -15.04
C ILE A 93 8.64 -1.36 -13.79
N GLU A 94 9.08 -0.27 -13.17
CA GLU A 94 8.44 0.17 -11.92
C GLU A 94 7.29 1.08 -12.29
N VAL A 95 6.09 0.71 -11.86
CA VAL A 95 4.90 1.56 -12.08
C VAL A 95 4.50 2.19 -10.77
N THR A 96 4.44 3.53 -10.75
CA THR A 96 4.18 4.30 -9.51
C THR A 96 2.90 5.12 -9.63
N PHE A 97 2.02 4.97 -8.64
CA PHE A 97 0.85 5.82 -8.50
C PHE A 97 1.06 6.72 -7.31
N ASP A 98 1.02 8.02 -7.56
CA ASP A 98 1.30 9.01 -6.53
C ASP A 98 0.09 9.92 -6.45
N ILE A 99 -0.54 10.01 -5.28
CA ILE A 99 -1.68 10.94 -5.12
C ILE A 99 -1.31 12.04 -4.16
N ASP A 100 -1.38 13.29 -4.63
CA ASP A 100 -0.96 14.43 -3.82
C ASP A 100 -2.07 15.02 -2.96
N ALA A 101 -1.74 16.06 -2.19
CA ALA A 101 -2.68 16.65 -1.26
C ALA A 101 -3.82 17.35 -2.00
N ASP A 102 -3.61 17.67 -3.28
CA ASP A 102 -4.67 18.25 -4.10
C ASP A 102 -5.53 17.14 -4.67
N GLY A 103 -5.18 15.88 -4.40
CA GLY A 103 -5.97 14.78 -4.91
C GLY A 103 -5.66 14.42 -6.35
N ILE A 104 -4.62 15.00 -6.93
CA ILE A 104 -4.24 14.71 -8.33
C ILE A 104 -3.46 13.41 -8.38
N LEU A 105 -3.77 12.54 -9.34
CA LEU A 105 -3.09 11.25 -9.44
C LEU A 105 -2.01 11.32 -10.50
N HIS A 106 -0.78 11.00 -10.11
CA HIS A 106 0.30 10.96 -11.09
C HIS A 106 0.70 9.51 -11.30
N VAL A 107 0.64 9.02 -12.54
CA VAL A 107 1.06 7.66 -12.81
C VAL A 107 2.33 7.67 -13.66
N SER A 108 3.32 6.86 -13.30
CA SER A 108 4.53 6.78 -14.11
C SER A 108 4.99 5.35 -14.28
N ALA A 109 5.72 5.09 -15.36
CA ALA A 109 6.34 3.79 -15.55
C ALA A 109 7.79 4.07 -15.93
N LYS A 110 8.71 3.38 -15.28
CA LYS A 110 10.13 3.63 -15.49
C LYS A 110 10.82 2.29 -15.66
N ASP A 111 11.70 2.19 -16.66
CA ASP A 111 12.51 0.99 -16.86
C ASP A 111 13.71 1.09 -15.91
N LYS A 112 13.83 0.13 -14.99
CA LYS A 112 14.81 0.32 -13.92
C LYS A 112 16.19 0.18 -14.53
N ASN A 113 16.31 -0.58 -15.61
CA ASN A 113 17.59 -0.80 -16.24
C ASN A 113 18.06 0.39 -17.09
N SER A 114 17.16 0.91 -17.93
CA SER A 114 17.51 1.95 -18.89
C SER A 114 17.21 3.34 -18.35
N GLY A 115 16.38 3.42 -17.31
CA GLY A 115 15.97 4.69 -16.74
C GLY A 115 14.95 5.46 -17.58
N LYS A 116 14.55 4.89 -18.72
CA LYS A 116 13.54 5.54 -19.55
C LYS A 116 12.22 5.59 -18.79
N GLU A 117 11.53 6.73 -18.85
CA GLU A 117 10.32 6.97 -18.04
C GLU A 117 9.23 7.65 -18.89
N GLN A 118 7.96 7.35 -18.60
CA GLN A 118 6.85 8.06 -19.21
C GLN A 118 5.82 8.24 -18.13
N LYS A 119 5.02 9.31 -18.18
CA LYS A 119 4.06 9.59 -17.10
C LYS A 119 2.84 10.34 -17.58
N ILE A 120 1.76 10.26 -16.81
CA ILE A 120 0.56 11.03 -17.08
C ILE A 120 0.00 11.57 -15.77
N THR A 121 -0.80 12.63 -15.88
CA THR A 121 -1.40 13.26 -14.72
C THR A 121 -2.90 13.16 -14.90
N ILE A 122 -3.58 12.69 -13.87
CA ILE A 122 -5.00 12.44 -13.93
C ILE A 122 -5.67 13.31 -12.87
N LYS A 123 -6.58 14.16 -13.31
CA LYS A 123 -7.06 15.22 -12.43
C LYS A 123 -8.15 14.68 -11.53
N ALA A 124 -8.22 15.23 -10.32
CA ALA A 124 -9.26 14.88 -9.35
C ALA A 124 -10.65 15.19 -9.90
N ASN A 129 -20.47 11.37 -8.70
CA ASN A 129 -19.79 10.11 -8.44
C ASN A 129 -20.43 9.27 -7.33
N GLU A 130 -20.97 9.94 -6.31
CA GLU A 130 -21.31 9.29 -5.05
C GLU A 130 -22.21 8.06 -5.21
N ASP A 131 -23.24 8.20 -6.05
CA ASP A 131 -24.12 7.09 -6.36
C ASP A 131 -23.46 6.12 -7.34
N GLU A 132 -22.61 6.64 -8.21
CA GLU A 132 -21.88 5.77 -9.12
C GLU A 132 -20.81 4.93 -8.39
N ILE A 133 -20.20 5.51 -7.37
CA ILE A 133 -19.23 4.80 -6.54
C ILE A 133 -19.88 3.60 -5.85
N GLN A 134 -20.96 3.89 -5.12
CA GLN A 134 -21.67 2.84 -4.38
C GLN A 134 -22.25 1.78 -5.32
N LYS A 135 -22.62 2.20 -6.52
CA LYS A 135 -23.06 1.27 -7.56
C LYS A 135 -21.92 0.33 -7.95
N MET A 136 -20.74 0.90 -8.17
CA MET A 136 -19.58 0.14 -8.56
C MET A 136 -19.11 -0.81 -7.44
N VAL A 137 -19.20 -0.34 -6.19
CA VAL A 137 -18.85 -1.18 -5.06
C VAL A 137 -19.82 -2.36 -5.01
N ARG A 138 -21.08 -2.08 -5.28
CA ARG A 138 -22.14 -3.09 -5.22
C ARG A 138 -22.05 -4.07 -6.40
N ASP A 139 -21.64 -3.58 -7.57
CA ASP A 139 -21.46 -4.46 -8.73
C ASP A 139 -20.34 -5.47 -8.45
N ALA A 140 -19.35 -5.05 -7.67
CA ALA A 140 -18.23 -5.91 -7.38
C ALA A 140 -18.61 -7.03 -6.40
N GLU A 141 -19.37 -6.68 -5.35
CA GLU A 141 -19.87 -7.69 -4.40
C GLU A 141 -20.73 -8.74 -5.09
N ALA A 142 -21.59 -8.32 -6.01
CA ALA A 142 -22.43 -9.24 -6.76
C ALA A 142 -21.63 -10.22 -7.64
N ASN A 143 -20.39 -9.86 -7.98
CA ASN A 143 -19.57 -10.71 -8.82
C ASN A 143 -18.28 -11.17 -8.16
N ALA A 144 -18.19 -11.00 -6.84
CA ALA A 144 -16.96 -11.28 -6.11
C ALA A 144 -16.42 -12.70 -6.32
N GLU A 145 -17.32 -13.68 -6.40
CA GLU A 145 -16.89 -15.08 -6.52
C GLU A 145 -16.37 -15.36 -7.92
N ALA A 146 -17.14 -14.95 -8.93
CA ALA A 146 -16.70 -15.12 -10.31
C ALA A 146 -15.40 -14.33 -10.57
N ASP A 147 -15.28 -13.15 -9.95
CA ASP A 147 -14.07 -12.33 -10.12
C ASP A 147 -12.83 -12.99 -9.52
N ARG A 148 -12.97 -13.59 -8.33
CA ARG A 148 -11.86 -14.31 -7.71
C ARG A 148 -11.45 -15.49 -8.56
N LYS A 149 -12.44 -16.22 -9.05
CA LYS A 149 -12.14 -17.39 -9.87
C LYS A 149 -11.46 -16.96 -11.18
N PHE A 150 -11.91 -15.85 -11.75
CA PHE A 150 -11.29 -15.34 -12.96
C PHE A 150 -9.84 -14.93 -12.69
N GLU A 151 -9.59 -14.24 -11.58
CA GLU A 151 -8.24 -13.79 -11.27
C GLU A 151 -7.32 -14.98 -11.06
N GLU A 152 -7.75 -15.98 -10.31
CA GLU A 152 -6.93 -17.17 -10.05
C GLU A 152 -6.63 -17.96 -11.31
N LEU A 153 -7.62 -18.03 -12.21
CA LEU A 153 -7.44 -18.72 -13.48
C LEU A 153 -6.40 -18.02 -14.33
N VAL A 154 -6.52 -16.70 -14.46
CA VAL A 154 -5.54 -15.97 -15.26
C VAL A 154 -4.12 -16.13 -14.72
N GLN A 155 -3.95 -16.02 -13.39
CA GLN A 155 -2.64 -16.24 -12.80
C GLN A 155 -2.12 -17.62 -13.12
N THR A 156 -2.99 -18.61 -13.01
CA THR A 156 -2.59 -19.98 -13.30
C THR A 156 -2.22 -20.18 -14.77
N ARG A 157 -3.04 -19.62 -15.66
CA ARG A 157 -2.76 -19.68 -17.11
C ARG A 157 -1.43 -19.03 -17.43
N ASN A 158 -1.19 -17.84 -16.88
CA ASN A 158 0.05 -17.15 -17.19
C ASN A 158 1.27 -17.94 -16.71
N GLN A 159 1.18 -18.49 -15.50
CA GLN A 159 2.26 -19.35 -14.99
C GLN A 159 2.42 -20.59 -15.90
N GLY A 160 1.31 -21.20 -16.28
CA GLY A 160 1.36 -22.35 -17.19
C GLY A 160 1.93 -22.00 -18.57
N ASP A 161 1.56 -20.83 -19.12
CA ASP A 161 2.13 -20.43 -20.41
C ASP A 161 3.65 -20.24 -20.32
N HIS A 162 4.13 -19.61 -19.25
CA HIS A 162 5.58 -19.43 -19.05
C HIS A 162 6.28 -20.78 -19.01
N LEU A 163 5.66 -21.73 -18.30
CA LEU A 163 6.30 -23.04 -18.11
C LEU A 163 6.31 -23.81 -19.42
N LEU A 164 5.20 -23.73 -20.17
CA LEU A 164 5.16 -24.27 -21.53
C LEU A 164 6.31 -23.77 -22.39
N HIS A 165 6.49 -22.44 -22.42
CA HIS A 165 7.49 -21.82 -23.29
C HIS A 165 8.93 -22.08 -22.87
N SER A 166 9.18 -22.06 -21.57
CA SER A 166 10.53 -22.24 -21.09
C SER A 166 10.98 -23.69 -21.24
N THR A 167 10.03 -24.59 -21.01
CA THR A 167 10.31 -26.04 -21.16
C THR A 167 10.62 -26.37 -22.62
N ARG A 168 9.83 -25.85 -23.55
CA ARG A 168 10.12 -26.06 -24.96
C ARG A 168 11.48 -25.53 -25.37
N LYS A 169 11.83 -24.36 -24.85
CA LYS A 169 13.16 -23.80 -25.08
C LYS A 169 14.27 -24.73 -24.53
N GLN A 170 14.07 -25.26 -23.33
CA GLN A 170 15.06 -26.19 -22.75
C GLN A 170 15.21 -27.47 -23.56
N VAL A 171 14.09 -27.97 -24.06
CA VAL A 171 14.12 -29.18 -24.88
C VAL A 171 14.97 -28.92 -26.10
N GLU A 172 14.77 -27.76 -26.71
CA GLU A 172 15.50 -27.42 -27.92
C GLU A 172 17.00 -27.24 -27.67
N GLU A 173 17.37 -26.61 -26.56
CA GLU A 173 18.78 -26.43 -26.22
C GLU A 173 19.46 -27.73 -25.81
N ALA A 174 18.71 -28.65 -25.21
CA ALA A 174 19.31 -29.90 -24.76
C ALA A 174 19.71 -30.74 -25.97
N GLY A 175 18.90 -30.69 -27.01
CA GLY A 175 19.18 -31.42 -28.24
C GLY A 175 19.33 -32.92 -28.00
N ASP A 176 20.38 -33.50 -28.56
CA ASP A 176 20.62 -34.94 -28.49
C ASP A 176 21.03 -35.42 -27.09
N LYS A 177 21.29 -34.49 -26.18
CA LYS A 177 21.64 -34.84 -24.82
C LYS A 177 20.43 -35.39 -24.04
N LEU A 178 19.22 -35.04 -24.50
CA LEU A 178 18.00 -35.52 -23.82
C LEU A 178 17.64 -36.95 -24.25
N PRO A 179 17.58 -37.91 -23.31
CA PRO A 179 17.23 -39.29 -23.71
C PRO A 179 15.86 -39.34 -24.39
N ALA A 180 15.70 -40.22 -25.38
CA ALA A 180 14.48 -40.28 -26.16
C ALA A 180 13.21 -40.54 -25.34
N ASP A 181 13.34 -41.35 -24.28
CA ASP A 181 12.19 -41.66 -23.43
C ASP A 181 11.67 -40.41 -22.72
N ASP A 182 12.60 -39.61 -22.19
CA ASP A 182 12.26 -38.35 -21.53
C ASP A 182 11.65 -37.37 -22.52
N LYS A 183 12.23 -37.30 -23.71
CA LYS A 183 11.72 -36.38 -24.70
C LYS A 183 10.29 -36.71 -25.11
N THR A 184 9.98 -38.00 -25.25
CA THR A 184 8.62 -38.44 -25.54
C THR A 184 7.69 -38.04 -24.40
N ALA A 185 8.10 -38.30 -23.16
CA ALA A 185 7.28 -38.00 -22.00
C ALA A 185 7.05 -36.50 -21.85
N ILE A 186 8.10 -35.74 -22.05
CA ILE A 186 8.00 -34.28 -21.97
C ILE A 186 7.11 -33.73 -23.09
N GLU A 187 7.33 -34.15 -24.34
CA GLU A 187 6.46 -33.70 -25.43
C GLU A 187 4.97 -34.01 -25.17
N SER A 188 4.67 -35.19 -24.66
CA SER A 188 3.27 -35.53 -24.34
C SER A 188 2.72 -34.61 -23.24
N ALA A 189 3.51 -34.38 -22.21
CA ALA A 189 3.08 -33.50 -21.12
C ALA A 189 2.91 -32.04 -21.57
N LEU A 190 3.79 -31.60 -22.46
CA LEU A 190 3.69 -30.26 -23.04
C LEU A 190 2.38 -30.10 -23.81
N THR A 191 2.03 -31.06 -24.65
CA THR A 191 0.78 -30.97 -25.40
C THR A 191 -0.46 -30.95 -24.50
N ALA A 192 -0.43 -31.78 -23.45
CA ALA A 192 -1.53 -31.84 -22.48
C ALA A 192 -1.68 -30.51 -21.72
N LEU A 193 -0.56 -29.87 -21.39
CA LEU A 193 -0.62 -28.58 -20.71
C LEU A 193 -1.17 -27.53 -21.68
N GLU A 194 -0.70 -27.54 -22.92
CA GLU A 194 -1.23 -26.61 -23.92
C GLU A 194 -2.76 -26.71 -24.02
N THR A 195 -3.27 -27.94 -24.01
CA THR A 195 -4.72 -28.12 -24.14
C THR A 195 -5.45 -27.55 -22.91
N ALA A 196 -4.89 -27.84 -21.74
CA ALA A 196 -5.51 -27.36 -20.51
C ALA A 196 -5.57 -25.84 -20.45
N LEU A 197 -4.55 -25.18 -21.00
CA LEU A 197 -4.48 -23.71 -20.90
C LEU A 197 -5.61 -23.01 -21.68
N LYS A 198 -6.17 -23.71 -22.67
CA LYS A 198 -7.28 -23.15 -23.43
C LYS A 198 -8.61 -23.20 -22.66
N GLY A 199 -8.67 -24.06 -21.64
CA GLY A 199 -9.87 -24.23 -20.85
C GLY A 199 -10.01 -23.22 -19.71
N GLU A 200 -11.02 -23.43 -18.87
CA GLU A 200 -11.35 -22.52 -17.79
C GLU A 200 -11.24 -23.22 -16.43
N ASP A 201 -10.51 -24.33 -16.40
CA ASP A 201 -10.38 -25.14 -15.19
C ASP A 201 -8.98 -25.00 -14.59
N LYS A 202 -8.89 -24.20 -13.53
CA LYS A 202 -7.60 -23.94 -12.88
C LYS A 202 -6.95 -25.23 -12.40
N ALA A 203 -7.74 -26.13 -11.80
CA ALA A 203 -7.18 -27.36 -11.25
C ALA A 203 -6.56 -28.25 -12.32
N ALA A 204 -7.15 -28.26 -13.52
CA ALA A 204 -6.63 -29.10 -14.60
C ALA A 204 -5.30 -28.55 -15.07
N ILE A 205 -5.20 -27.23 -15.17
CA ILE A 205 -3.95 -26.59 -15.55
C ILE A 205 -2.88 -26.86 -14.49
N GLU A 206 -3.22 -26.77 -13.21
CA GLU A 206 -2.22 -27.05 -12.17
C GLU A 206 -1.72 -28.49 -12.26
N ALA A 207 -2.64 -29.41 -12.55
CA ALA A 207 -2.27 -30.82 -12.65
C ALA A 207 -1.34 -31.08 -13.82
N LYS A 208 -1.63 -30.46 -14.97
CA LYS A 208 -0.77 -30.61 -16.14
C LYS A 208 0.58 -29.94 -15.93
N MET A 209 0.63 -28.85 -15.17
CA MET A 209 1.92 -28.25 -14.88
C MET A 209 2.75 -29.19 -14.01
N GLN A 210 2.10 -29.83 -13.04
CA GLN A 210 2.85 -30.74 -12.18
C GLN A 210 3.26 -32.00 -12.95
N GLU A 211 2.35 -32.52 -13.77
CA GLU A 211 2.71 -33.66 -14.61
C GLU A 211 3.91 -33.31 -15.48
N LEU A 212 3.94 -32.10 -16.05
CA LEU A 212 5.13 -31.71 -16.82
C LEU A 212 6.42 -31.58 -15.99
N ALA A 213 6.34 -30.96 -14.82
CA ALA A 213 7.54 -30.83 -14.00
C ALA A 213 8.10 -32.19 -13.61
N GLN A 214 7.20 -33.12 -13.29
CA GLN A 214 7.59 -34.46 -12.85
C GLN A 214 8.35 -35.27 -13.89
N VAL A 215 8.18 -34.94 -15.18
CA VAL A 215 8.89 -35.67 -16.24
C VAL A 215 10.05 -34.87 -16.81
N SER A 216 10.22 -33.64 -16.32
CA SER A 216 11.20 -32.73 -16.91
C SER A 216 12.47 -32.56 -16.09
N GLN A 217 12.64 -33.36 -15.04
CA GLN A 217 13.78 -33.20 -14.16
C GLN A 217 15.17 -33.25 -14.83
N LYS A 218 15.30 -34.04 -15.90
CA LYS A 218 16.60 -34.16 -16.59
C LYS A 218 17.06 -32.89 -17.31
N LEU A 219 16.11 -32.07 -17.75
CA LEU A 219 16.43 -30.77 -18.35
C LEU A 219 17.32 -29.85 -17.49
N MET A 220 17.01 -29.75 -16.20
CA MET A 220 17.80 -28.91 -15.29
C MET A 220 19.22 -29.46 -15.13
N GLU A 221 19.33 -30.78 -15.04
CA GLU A 221 20.63 -31.42 -14.89
C GLU A 221 21.46 -31.19 -16.15
N ILE A 222 20.82 -31.32 -17.31
CA ILE A 222 21.48 -31.13 -18.61
C ILE A 222 22.03 -29.73 -18.76
N ALA A 223 21.22 -28.74 -18.38
CA ALA A 223 21.63 -27.34 -18.43
C ALA A 223 22.91 -27.10 -17.62
N GLN A 224 23.03 -27.76 -16.47
CA GLN A 224 24.18 -27.56 -15.60
C GLN A 224 25.51 -28.06 -16.15
N GLN A 225 25.46 -29.05 -17.04
CA GLN A 225 26.65 -29.40 -17.80
C GLN A 225 26.86 -28.37 -18.93
N GLN A 226 27.04 -27.12 -18.52
CA GLN A 226 27.36 -26.02 -19.44
C GLN A 226 28.17 -24.96 -18.71
N HIS B 2 1.18 -14.78 -28.73
CA HIS B 2 0.21 -13.70 -28.53
C HIS B 2 -0.06 -12.90 -29.80
N HIS B 3 -1.27 -12.35 -29.90
CA HIS B 3 -1.64 -11.59 -31.08
C HIS B 3 -1.18 -10.14 -30.93
N HIS B 4 -0.96 -9.72 -29.68
CA HIS B 4 -0.49 -8.37 -29.41
C HIS B 4 0.73 -8.35 -28.50
N HIS B 5 1.44 -7.22 -28.48
CA HIS B 5 2.81 -7.20 -28.01
C HIS B 5 3.18 -6.04 -27.09
N HIS B 6 2.17 -5.47 -26.43
CA HIS B 6 2.39 -4.40 -25.46
C HIS B 6 1.95 -4.79 -24.04
N HIS B 7 1.81 -6.09 -23.79
CA HIS B 7 1.31 -6.60 -22.51
C HIS B 7 2.28 -6.40 -21.38
N ILE B 8 1.73 -6.26 -20.18
CA ILE B 8 2.54 -6.11 -18.97
C ILE B 8 2.12 -7.18 -17.96
N GLU B 9 3.12 -7.79 -17.33
CA GLU B 9 2.91 -8.92 -16.43
C GLU B 9 3.46 -8.61 -15.04
N VAL B 10 2.86 -9.19 -14.00
CA VAL B 10 3.42 -9.06 -12.66
C VAL B 10 4.80 -9.74 -12.63
N LEU B 11 5.73 -9.20 -11.85
CA LEU B 11 7.08 -9.76 -11.86
C LEU B 11 7.05 -11.05 -11.09
N LEU B 12 6.54 -10.99 -9.86
CA LEU B 12 6.38 -12.16 -9.02
C LEU B 12 4.94 -12.35 -8.57
N LEU B 13 4.67 -13.52 -8.02
CA LEU B 13 3.36 -13.79 -7.45
C LEU B 13 3.41 -13.64 -5.91
N ASP B 14 4.62 -13.62 -5.36
CA ASP B 14 4.80 -13.55 -3.91
C ASP B 14 4.08 -12.34 -3.31
N VAL B 15 3.56 -12.53 -2.10
CA VAL B 15 2.87 -11.50 -1.36
C VAL B 15 3.36 -11.46 0.09
N THR B 16 3.18 -10.33 0.73
CA THR B 16 3.60 -10.19 2.11
C THR B 16 2.63 -10.97 3.01
N PRO B 17 3.17 -11.72 4.01
CA PRO B 17 2.29 -12.52 4.88
C PRO B 17 1.52 -11.76 5.97
N LEU B 18 2.05 -10.62 6.42
CA LEU B 18 1.44 -9.83 7.48
C LEU B 18 1.61 -8.35 7.14
N SER B 19 0.73 -7.52 7.69
CA SER B 19 0.84 -6.07 7.46
C SER B 19 2.14 -5.53 8.10
N LEU B 20 2.68 -4.46 7.51
CA LEU B 20 3.92 -3.84 8.00
C LEU B 20 3.66 -2.38 8.19
N GLY B 21 4.05 -1.81 9.32
CA GLY B 21 3.87 -0.38 9.48
C GLY B 21 4.71 0.19 10.60
N ILE B 22 4.27 1.31 11.14
CA ILE B 22 5.03 2.00 12.22
C ILE B 22 4.15 2.39 13.36
N GLU B 23 4.73 2.65 14.54
CA GLU B 23 3.93 3.14 15.65
C GLU B 23 3.67 4.64 15.52
N THR B 24 2.42 5.04 15.77
CA THR B 24 2.07 6.47 15.75
C THR B 24 1.42 6.85 17.06
N MET B 25 1.29 8.17 17.25
CA MET B 25 0.85 8.76 18.53
C MET B 25 -0.30 8.03 19.15
N GLY B 26 -0.14 7.61 20.41
CA GLY B 26 -1.18 6.90 21.12
C GLY B 26 -0.98 5.39 21.14
N GLY B 27 0.12 4.92 20.56
CA GLY B 27 0.41 3.48 20.59
C GLY B 27 -0.31 2.66 19.53
N VAL B 28 -0.60 3.31 18.39
CA VAL B 28 -1.33 2.67 17.29
C VAL B 28 -0.38 2.18 16.22
N MET B 29 -0.67 1.03 15.61
CA MET B 29 0.07 0.62 14.43
C MET B 29 -0.59 1.21 13.17
N THR B 30 0.15 2.05 12.46
CA THR B 30 -0.32 2.61 11.17
C THR B 30 0.31 1.80 10.06
N THR B 31 -0.51 1.20 9.21
CA THR B 31 0.02 0.28 8.20
C THR B 31 0.57 1.03 7.00
N LEU B 32 1.76 0.68 6.55
CA LEU B 32 2.29 1.20 5.28
C LEU B 32 2.14 0.20 4.12
N ILE B 33 2.33 -1.09 4.40
CA ILE B 33 2.09 -2.15 3.41
C ILE B 33 1.16 -3.18 4.01
N ALA B 34 -0.05 -3.25 3.49
CA ALA B 34 -1.04 -4.19 4.04
C ALA B 34 -0.66 -5.62 3.70
N LYS B 35 -1.12 -6.56 4.53
CA LYS B 35 -1.00 -8.00 4.30
C LYS B 35 -1.48 -8.34 2.89
N ASN B 36 -0.75 -9.27 2.28
CA ASN B 36 -1.11 -9.83 0.97
CA ASN B 36 -1.11 -9.83 0.97
C ASN B 36 -0.82 -8.86 -0.17
N THR B 37 0.10 -7.93 0.06
CA THR B 37 0.52 -7.03 -1.01
C THR B 37 1.54 -7.76 -1.87
N THR B 38 1.39 -7.72 -3.20
CA THR B 38 2.36 -8.30 -4.09
C THR B 38 3.68 -7.58 -4.05
N ILE B 39 4.77 -8.33 -4.04
CA ILE B 39 6.12 -7.74 -4.06
C ILE B 39 6.75 -7.94 -5.44
N PRO B 40 7.79 -7.17 -5.78
CA PRO B 40 8.41 -6.03 -5.09
C PRO B 40 7.43 -4.87 -5.08
N THR B 41 7.47 -4.08 -4.02
CA THR B 41 6.58 -2.97 -3.88
C THR B 41 7.29 -1.92 -3.02
N LYS B 42 6.91 -0.67 -3.21
CA LYS B 42 7.39 0.42 -2.33
C LYS B 42 6.22 1.29 -2.01
N HIS B 43 5.96 1.52 -0.71
CA HIS B 43 4.83 2.35 -0.31
C HIS B 43 5.41 3.44 0.57
N SER B 44 5.02 4.70 0.32
CA SER B 44 5.46 5.77 1.25
C SER B 44 4.31 6.63 1.65
N GLN B 45 4.44 7.28 2.80
CA GLN B 45 3.45 8.20 3.27
C GLN B 45 4.17 9.26 4.09
N VAL B 46 3.64 10.48 4.13
CA VAL B 46 4.23 11.54 4.96
C VAL B 46 3.52 11.66 6.30
N PHE B 47 4.32 11.71 7.36
CA PHE B 47 3.87 11.84 8.76
C PHE B 47 4.45 13.15 9.29
N SER B 48 4.11 13.51 10.51
CA SER B 48 4.65 14.74 11.07
C SER B 48 4.92 14.57 12.55
N THR B 49 5.32 15.66 13.17
CA THR B 49 5.63 15.66 14.60
C THR B 49 4.35 15.77 15.42
N ALA B 50 4.43 15.45 16.71
CA ALA B 50 3.24 15.43 17.57
C ALA B 50 3.18 16.61 18.56
N GLU B 51 4.26 17.40 18.65
CA GLU B 51 4.30 18.60 19.51
C GLU B 51 5.06 19.74 18.84
N ASP B 52 4.80 20.97 19.26
CA ASP B 52 5.48 22.11 18.67
C ASP B 52 6.99 21.98 18.86
N ASN B 53 7.77 22.41 17.86
CA ASN B 53 9.22 22.48 17.93
C ASN B 53 9.93 21.16 18.22
N GLN B 54 9.28 20.05 17.91
CA GLN B 54 9.87 18.72 18.13
C GLN B 54 11.05 18.50 17.19
N SER B 55 12.19 18.07 17.70
CA SER B 55 13.39 17.96 16.85
C SER B 55 13.76 16.55 16.38
N ALA B 56 13.08 15.53 16.90
CA ALA B 56 13.42 14.17 16.49
C ALA B 56 12.17 13.30 16.53
N VAL B 57 12.16 12.23 15.72
CA VAL B 57 11.10 11.23 15.82
C VAL B 57 11.70 9.86 15.91
N THR B 58 10.94 8.93 16.48
CA THR B 58 11.35 7.54 16.49
C THR B 58 10.46 6.72 15.55
N ILE B 59 11.09 6.02 14.63
CA ILE B 59 10.40 5.10 13.72
C ILE B 59 10.51 3.69 14.31
N HIS B 60 9.39 3.17 14.77
CA HIS B 60 9.31 1.82 15.34
C HIS B 60 8.56 0.96 14.35
N VAL B 61 9.25 0.00 13.74
CA VAL B 61 8.69 -0.83 12.66
C VAL B 61 7.97 -2.01 13.26
N LEU B 62 6.75 -2.24 12.78
CA LEU B 62 5.87 -3.25 13.36
C LEU B 62 5.36 -4.17 12.30
N GLN B 63 5.13 -5.42 12.65
CA GLN B 63 4.56 -6.43 11.74
C GLN B 63 3.39 -7.14 12.45
N GLY B 64 2.24 -7.17 11.79
CA GLY B 64 1.07 -7.83 12.36
C GLY B 64 -0.23 -7.16 12.02
N GLU B 65 -1.35 -7.74 12.50
CA GLU B 65 -2.66 -7.24 12.11
C GLU B 65 -3.42 -6.53 13.21
N ARG B 66 -2.79 -6.31 14.36
CA ARG B 66 -3.50 -5.71 15.47
C ARG B 66 -3.37 -4.18 15.45
N LYS B 67 -4.34 -3.48 16.03
CA LYS B 67 -4.27 -2.01 15.99
C LYS B 67 -3.38 -1.42 17.09
N ARG B 68 -3.25 -2.10 18.23
CA ARG B 68 -2.32 -1.64 19.26
C ARG B 68 -0.92 -2.01 18.91
N ALA B 69 -0.02 -1.02 18.92
CA ALA B 69 1.36 -1.30 18.49
C ALA B 69 1.97 -2.43 19.34
N ALA B 70 1.69 -2.39 20.64
CA ALA B 70 2.26 -3.37 21.56
C ALA B 70 1.87 -4.83 21.29
N ASP B 71 0.79 -5.02 20.52
CA ASP B 71 0.29 -6.37 20.19
C ASP B 71 0.84 -6.92 18.88
N ASN B 72 1.78 -6.21 18.27
CA ASN B 72 2.40 -6.67 17.03
C ASN B 72 3.87 -6.98 17.25
N LYS B 73 4.50 -7.58 16.25
CA LYS B 73 5.92 -7.87 16.37
C LYS B 73 6.74 -6.63 16.08
N SER B 74 7.76 -6.38 16.90
CA SER B 74 8.66 -5.25 16.65
C SER B 74 9.79 -5.77 15.80
N LEU B 75 10.05 -5.11 14.69
CA LEU B 75 11.10 -5.56 13.79
C LEU B 75 12.34 -4.66 13.87
N GLY B 76 12.22 -3.49 14.50
CA GLY B 76 13.37 -2.61 14.62
C GLY B 76 12.96 -1.18 14.88
N GLN B 77 13.91 -0.34 15.24
CA GLN B 77 13.60 1.07 15.45
C GLN B 77 14.81 1.93 15.11
N PHE B 78 14.57 3.19 14.74
CA PHE B 78 15.64 4.14 14.52
C PHE B 78 15.09 5.52 14.70
N ASN B 79 15.97 6.48 14.95
CA ASN B 79 15.55 7.88 15.09
C ASN B 79 15.93 8.68 13.89
N LEU B 80 15.11 9.68 13.58
CA LEU B 80 15.51 10.72 12.65
C LEU B 80 15.55 12.01 13.45
N ASP B 81 16.72 12.63 13.53
CA ASP B 81 16.89 13.84 14.35
C ASP B 81 17.12 15.06 13.46
N GLY B 82 17.33 16.22 14.08
CA GLY B 82 17.75 17.39 13.31
C GLY B 82 16.60 18.13 12.67
N ILE B 83 15.40 17.86 13.14
CA ILE B 83 14.21 18.49 12.57
C ILE B 83 14.10 19.95 13.00
N ASN B 84 14.08 20.86 12.03
CA ASN B 84 14.00 22.28 12.37
C ASN B 84 12.70 22.57 13.13
N PRO B 85 12.77 23.47 14.12
CA PRO B 85 11.60 23.85 14.94
C PRO B 85 10.43 24.40 14.10
N ALA B 86 9.22 23.89 14.35
CA ALA B 86 8.04 24.30 13.60
C ALA B 86 6.81 23.87 14.40
N PRO B 87 5.63 24.47 14.11
CA PRO B 87 4.41 24.05 14.81
C PRO B 87 4.15 22.56 14.65
N ARG B 88 3.50 21.93 15.62
CA ARG B 88 3.09 20.53 15.48
C ARG B 88 2.41 20.30 14.14
N GLY B 89 2.79 19.22 13.46
CA GLY B 89 2.10 18.86 12.24
C GLY B 89 2.63 19.50 10.98
N MET B 90 3.57 20.41 11.11
CA MET B 90 4.15 21.05 9.93
C MET B 90 5.34 20.31 9.26
N PRO B 91 6.29 19.80 10.04
CA PRO B 91 7.36 19.05 9.36
C PRO B 91 6.83 17.90 8.54
N GLN B 92 7.47 17.65 7.41
CA GLN B 92 7.00 16.59 6.52
C GLN B 92 8.03 15.49 6.54
N ILE B 93 7.70 14.41 7.25
CA ILE B 93 8.61 13.31 7.40
C ILE B 93 8.09 12.17 6.53
N GLU B 94 8.82 11.87 5.45
CA GLU B 94 8.34 10.84 4.51
C GLU B 94 8.90 9.52 4.96
N VAL B 95 8.02 8.57 5.25
CA VAL B 95 8.41 7.22 5.63
C VAL B 95 8.13 6.28 4.48
N THR B 96 9.16 5.54 4.06
CA THR B 96 9.09 4.61 2.94
C THR B 96 9.40 3.19 3.35
N PHE B 97 8.51 2.26 2.99
CA PHE B 97 8.76 0.81 3.11
C PHE B 97 8.96 0.22 1.71
N ASP B 98 10.13 -0.37 1.46
CA ASP B 98 10.46 -0.93 0.14
C ASP B 98 10.78 -2.41 0.33
N ILE B 99 10.09 -3.29 -0.37
CA ILE B 99 10.41 -4.74 -0.29
C ILE B 99 10.88 -5.12 -1.66
N ASP B 100 12.11 -5.63 -1.75
CA ASP B 100 12.65 -6.00 -3.06
C ASP B 100 12.29 -7.44 -3.45
N ALA B 101 12.76 -7.87 -4.62
CA ALA B 101 12.34 -9.17 -5.14
C ALA B 101 12.88 -10.29 -4.27
N ASP B 102 13.91 -9.98 -3.47
CA ASP B 102 14.45 -10.97 -2.54
C ASP B 102 13.74 -11.00 -1.21
N GLY B 103 12.69 -10.21 -1.07
CA GLY B 103 11.86 -10.21 0.13
C GLY B 103 12.43 -9.39 1.27
N ILE B 104 13.50 -8.65 0.98
CA ILE B 104 14.18 -7.84 1.98
C ILE B 104 13.46 -6.51 2.14
N LEU B 105 13.26 -6.09 3.39
CA LEU B 105 12.54 -4.85 3.68
C LEU B 105 13.45 -3.67 4.00
N HIS B 106 13.29 -2.57 3.27
CA HIS B 106 14.07 -1.39 3.54
C HIS B 106 13.15 -0.29 4.06
N VAL B 107 13.43 0.19 5.26
CA VAL B 107 12.62 1.26 5.80
C VAL B 107 13.46 2.53 5.91
N SER B 108 12.92 3.65 5.43
CA SER B 108 13.63 4.94 5.55
C SER B 108 12.69 6.04 5.97
N ALA B 109 13.25 7.08 6.59
CA ALA B 109 12.48 8.24 6.99
C ALA B 109 13.34 9.40 6.55
N LYS B 110 12.72 10.36 5.86
CA LYS B 110 13.45 11.47 5.30
C LYS B 110 12.74 12.77 5.66
N ASP B 111 13.53 13.77 6.09
CA ASP B 111 12.98 15.10 6.31
C ASP B 111 12.98 15.80 4.96
N LYS B 112 11.80 16.14 4.49
CA LYS B 112 11.65 16.66 3.13
C LYS B 112 12.28 18.05 3.01
N ASN B 113 12.42 18.73 4.16
CA ASN B 113 13.05 20.05 4.16
C ASN B 113 14.55 19.96 4.00
N SER B 114 15.17 19.13 4.81
CA SER B 114 16.62 19.12 4.89
C SER B 114 17.24 18.04 4.00
N GLY B 115 16.42 17.08 3.60
CA GLY B 115 16.95 15.94 2.87
C GLY B 115 17.64 14.97 3.80
N LYS B 116 17.62 15.28 5.10
CA LYS B 116 18.21 14.37 6.10
C LYS B 116 17.40 13.06 6.14
N GLU B 117 18.12 11.93 6.15
CA GLU B 117 17.53 10.60 6.04
C GLU B 117 18.17 9.58 6.98
N GLN B 118 17.36 8.66 7.50
CA GLN B 118 17.89 7.52 8.23
C GLN B 118 17.16 6.28 7.72
N LYS B 119 17.82 5.13 7.79
CA LYS B 119 17.21 3.90 7.27
C LYS B 119 17.70 2.66 7.97
N ILE B 120 16.91 1.59 7.87
CA ILE B 120 17.33 0.28 8.34
C ILE B 120 16.91 -0.76 7.33
N THR B 121 17.58 -1.90 7.38
CA THR B 121 17.31 -3.02 6.49
C THR B 121 16.88 -4.15 7.40
N ILE B 122 15.76 -4.75 7.04
CA ILE B 122 15.16 -5.81 7.84
C ILE B 122 15.00 -7.08 7.00
N LYS B 123 15.64 -8.15 7.47
CA LYS B 123 15.77 -9.40 6.69
C LYS B 123 14.66 -10.45 6.88
N ALA B 124 13.61 -10.11 7.61
CA ALA B 124 12.44 -10.99 7.80
C ALA B 124 12.77 -12.37 8.37
N ASN B 129 6.83 -18.23 8.58
CA ASN B 129 6.59 -18.72 9.93
C ASN B 129 5.13 -19.13 10.03
N GLU B 130 4.71 -20.04 9.17
CA GLU B 130 3.29 -20.24 8.84
C GLU B 130 2.26 -20.43 9.96
N ASP B 131 2.57 -21.21 10.99
CA ASP B 131 1.61 -21.33 12.08
C ASP B 131 1.51 -20.07 12.94
N GLU B 132 2.61 -19.32 13.06
CA GLU B 132 2.54 -18.05 13.77
C GLU B 132 1.69 -17.04 12.99
N ILE B 133 1.79 -17.09 11.66
CA ILE B 133 1.02 -16.19 10.79
C ILE B 133 -0.48 -16.39 10.99
N GLN B 134 -0.95 -17.62 10.80
CA GLN B 134 -2.38 -17.90 11.00
C GLN B 134 -2.81 -17.66 12.44
N LYS B 135 -1.88 -17.82 13.39
CA LYS B 135 -2.16 -17.50 14.78
C LYS B 135 -2.45 -16.01 14.92
N MET B 136 -1.58 -15.18 14.33
CA MET B 136 -1.70 -13.75 14.44
C MET B 136 -2.97 -13.26 13.72
N VAL B 137 -3.29 -13.90 12.60
CA VAL B 137 -4.51 -13.55 11.87
C VAL B 137 -5.79 -13.87 12.67
N ARG B 138 -5.80 -15.00 13.38
CA ARG B 138 -7.02 -15.39 14.07
C ARG B 138 -7.28 -14.48 15.26
N ASP B 139 -6.21 -14.12 15.94
CA ASP B 139 -6.28 -13.23 17.09
C ASP B 139 -6.71 -11.82 16.72
N ALA B 140 -6.38 -11.38 15.51
CA ALA B 140 -6.78 -10.05 15.08
C ALA B 140 -8.30 -10.03 14.84
N GLU B 141 -8.83 -11.06 14.19
CA GLU B 141 -10.27 -11.18 14.02
C GLU B 141 -11.03 -11.33 15.36
N ALA B 142 -10.50 -12.12 16.29
CA ALA B 142 -11.15 -12.27 17.59
C ALA B 142 -11.21 -10.96 18.35
N ASN B 143 -10.30 -10.05 18.03
CA ASN B 143 -10.22 -8.80 18.75
C ASN B 143 -10.55 -7.59 17.89
N ALA B 144 -11.15 -7.82 16.72
CA ALA B 144 -11.42 -6.73 15.78
C ALA B 144 -12.19 -5.56 16.39
N GLU B 145 -13.16 -5.86 17.25
CA GLU B 145 -14.00 -4.82 17.82
C GLU B 145 -13.25 -4.02 18.87
N ALA B 146 -12.57 -4.71 19.79
CA ALA B 146 -11.81 -4.01 20.81
C ALA B 146 -10.72 -3.16 20.15
N ASP B 147 -10.12 -3.70 19.08
CA ASP B 147 -9.04 -2.97 18.40
C ASP B 147 -9.57 -1.70 17.73
N ARG B 148 -10.73 -1.80 17.10
CA ARG B 148 -11.33 -0.64 16.45
C ARG B 148 -11.74 0.42 17.48
N LYS B 149 -12.25 -0.04 18.64
CA LYS B 149 -12.65 0.87 19.69
C LYS B 149 -11.42 1.62 20.18
N PHE B 150 -10.31 0.89 20.30
CA PHE B 150 -9.05 1.50 20.77
C PHE B 150 -8.55 2.54 19.80
N GLU B 151 -8.55 2.20 18.52
CA GLU B 151 -8.08 3.12 17.50
C GLU B 151 -8.93 4.38 17.46
N GLU B 152 -10.24 4.21 17.54
CA GLU B 152 -11.18 5.34 17.51
C GLU B 152 -11.02 6.20 18.76
N LEU B 153 -10.72 5.58 19.89
CA LEU B 153 -10.48 6.34 21.12
C LEU B 153 -9.24 7.20 20.94
N VAL B 154 -8.16 6.59 20.44
CA VAL B 154 -6.92 7.33 20.21
C VAL B 154 -7.07 8.53 19.27
N GLN B 155 -7.77 8.33 18.14
CA GLN B 155 -8.07 9.41 17.22
C GLN B 155 -8.84 10.55 17.87
N THR B 156 -9.85 10.22 18.67
CA THR B 156 -10.64 11.23 19.40
C THR B 156 -9.79 11.96 20.43
N ARG B 157 -8.96 11.22 21.16
CA ARG B 157 -8.04 11.86 22.12
C ARG B 157 -7.07 12.84 21.46
N ASN B 158 -6.47 12.41 20.35
CA ASN B 158 -5.54 13.27 19.64
C ASN B 158 -6.24 14.54 19.12
N GLN B 159 -7.46 14.40 18.59
CA GLN B 159 -8.26 15.58 18.19
C GLN B 159 -8.55 16.50 19.38
N GLY B 160 -8.97 15.91 20.50
CA GLY B 160 -9.23 16.71 21.70
C GLY B 160 -8.02 17.43 22.25
N ASP B 161 -6.88 16.75 22.20
CA ASP B 161 -5.64 17.36 22.65
C ASP B 161 -5.25 18.53 21.75
N HIS B 162 -5.37 18.37 20.43
CA HIS B 162 -5.10 19.49 19.52
C HIS B 162 -6.02 20.66 19.81
N LEU B 163 -7.28 20.36 20.10
CA LEU B 163 -8.24 21.42 20.38
C LEU B 163 -7.95 22.15 21.70
N LEU B 164 -7.61 21.39 22.73
CA LEU B 164 -7.20 21.96 24.01
C LEU B 164 -6.07 22.96 23.77
N HIS B 165 -5.07 22.55 23.00
CA HIS B 165 -3.90 23.39 22.77
C HIS B 165 -4.18 24.63 21.91
N SER B 166 -5.00 24.50 20.86
CA SER B 166 -5.25 25.67 20.01
C SER B 166 -6.14 26.67 20.72
N THR B 167 -7.09 26.16 21.50
CA THR B 167 -7.97 27.05 22.26
C THR B 167 -7.18 27.88 23.27
N ARG B 168 -6.28 27.23 24.00
CA ARG B 168 -5.43 27.93 24.96
C ARG B 168 -4.61 28.99 24.25
N LYS B 169 -4.11 28.66 23.07
CA LYS B 169 -3.40 29.65 22.26
C LYS B 169 -4.30 30.83 21.87
N GLN B 170 -5.53 30.55 21.44
CA GLN B 170 -6.47 31.63 21.07
C GLN B 170 -6.78 32.51 22.28
N VAL B 171 -6.94 31.88 23.44
CA VAL B 171 -7.24 32.66 24.65
C VAL B 171 -6.10 33.61 24.97
N GLU B 172 -4.86 33.14 24.87
CA GLU B 172 -3.70 33.97 25.18
C GLU B 172 -3.60 35.13 24.19
N GLU B 173 -3.94 34.86 22.94
CA GLU B 173 -3.90 35.90 21.91
C GLU B 173 -5.01 36.94 22.04
N ALA B 174 -6.15 36.52 22.57
CA ALA B 174 -7.29 37.43 22.75
C ALA B 174 -7.02 38.42 23.85
N GLY B 175 -6.33 37.95 24.89
CA GLY B 175 -5.96 38.82 26.01
C GLY B 175 -7.19 39.49 26.62
N ASP B 176 -7.08 40.79 26.91
CA ASP B 176 -8.14 41.55 27.57
C ASP B 176 -9.38 41.77 26.71
N LYS B 177 -9.28 41.43 25.42
CA LYS B 177 -10.44 41.58 24.53
C LYS B 177 -11.52 40.58 24.90
N LEU B 178 -11.12 39.47 25.53
CA LEU B 178 -12.07 38.44 25.90
C LEU B 178 -12.79 38.84 27.17
N PRO B 179 -14.14 38.92 27.13
CA PRO B 179 -14.86 39.24 28.38
C PRO B 179 -14.55 38.24 29.50
N ALA B 180 -14.46 38.71 30.73
CA ALA B 180 -14.06 37.85 31.85
C ALA B 180 -14.97 36.66 32.03
N ASP B 181 -16.26 36.86 31.81
CA ASP B 181 -17.21 35.75 31.93
C ASP B 181 -16.98 34.64 30.90
N ASP B 182 -16.71 35.04 29.65
CA ASP B 182 -16.39 34.07 28.60
C ASP B 182 -15.09 33.38 28.93
N LYS B 183 -14.12 34.14 29.45
CA LYS B 183 -12.82 33.52 29.76
C LYS B 183 -12.97 32.45 30.82
N THR B 184 -13.79 32.74 31.83
CA THR B 184 -14.07 31.78 32.88
C THR B 184 -14.73 30.52 32.33
N ALA B 185 -15.77 30.70 31.51
CA ALA B 185 -16.50 29.57 30.96
C ALA B 185 -15.61 28.71 30.04
N ILE B 186 -14.81 29.36 29.22
CA ILE B 186 -13.85 28.65 28.37
C ILE B 186 -12.85 27.89 29.21
N GLU B 187 -12.26 28.53 30.22
CA GLU B 187 -11.35 27.83 31.12
C GLU B 187 -11.99 26.58 31.77
N SER B 188 -13.23 26.73 32.24
CA SER B 188 -13.95 25.62 32.84
C SER B 188 -14.21 24.49 31.85
N ALA B 189 -14.60 24.85 30.62
CA ALA B 189 -14.82 23.86 29.57
C ALA B 189 -13.53 23.16 29.19
N LEU B 190 -12.42 23.90 29.17
CA LEU B 190 -11.10 23.32 28.89
C LEU B 190 -10.72 22.29 29.98
N THR B 191 -10.95 22.63 31.25
CA THR B 191 -10.69 21.66 32.32
C THR B 191 -11.53 20.39 32.18
N ALA B 192 -12.80 20.57 31.84
CA ALA B 192 -13.68 19.42 31.66
C ALA B 192 -13.18 18.52 30.52
N LEU B 193 -12.70 19.13 29.45
CA LEU B 193 -12.22 18.35 28.31
C LEU B 193 -10.95 17.59 28.67
N GLU B 194 -10.07 18.31 29.36
CA GLU B 194 -8.83 17.75 29.86
C GLU B 194 -9.11 16.50 30.69
N THR B 195 -10.13 16.58 31.54
CA THR B 195 -10.53 15.44 32.38
C THR B 195 -11.11 14.29 31.55
N ALA B 196 -11.95 14.63 30.59
CA ALA B 196 -12.51 13.62 29.68
C ALA B 196 -11.43 12.90 28.87
N LEU B 197 -10.36 13.62 28.52
CA LEU B 197 -9.31 13.02 27.69
C LEU B 197 -8.58 11.90 28.39
N LYS B 198 -8.59 11.93 29.72
CA LYS B 198 -7.96 10.88 30.53
C LYS B 198 -8.81 9.63 30.60
N GLY B 199 -10.08 9.75 30.26
CA GLY B 199 -10.99 8.62 30.32
C GLY B 199 -10.91 7.76 29.09
N GLU B 200 -11.79 6.76 29.02
CA GLU B 200 -11.73 5.80 27.94
C GLU B 200 -13.02 5.86 27.15
N ASP B 201 -13.75 6.97 27.28
CA ASP B 201 -15.03 7.06 26.61
C ASP B 201 -15.01 8.12 25.52
N LYS B 202 -15.03 7.68 24.27
CA LYS B 202 -15.02 8.57 23.12
C LYS B 202 -16.21 9.55 23.15
N ALA B 203 -17.41 9.05 23.49
CA ALA B 203 -18.58 9.95 23.48
C ALA B 203 -18.49 11.09 24.51
N ALA B 204 -17.90 10.82 25.67
CA ALA B 204 -17.76 11.87 26.68
C ALA B 204 -16.77 12.92 26.19
N ILE B 205 -15.71 12.48 25.51
CA ILE B 205 -14.77 13.42 24.96
C ILE B 205 -15.44 14.28 23.88
N GLU B 206 -16.20 13.63 23.00
CA GLU B 206 -16.89 14.36 21.93
C GLU B 206 -17.87 15.37 22.53
N ALA B 207 -18.54 14.97 23.59
CA ALA B 207 -19.47 15.87 24.25
C ALA B 207 -18.74 17.07 24.86
N LYS B 208 -17.57 16.84 25.49
CA LYS B 208 -16.83 17.97 26.02
C LYS B 208 -16.29 18.87 24.91
N MET B 209 -15.99 18.30 23.74
CA MET B 209 -15.56 19.16 22.63
C MET B 209 -16.70 20.05 22.15
N GLN B 210 -17.92 19.52 22.16
CA GLN B 210 -19.06 20.32 21.72
C GLN B 210 -19.38 21.38 22.74
N GLU B 211 -19.33 21.03 24.01
CA GLU B 211 -19.54 22.00 25.06
C GLU B 211 -18.55 23.15 24.97
N LEU B 212 -17.30 22.84 24.62
CA LEU B 212 -16.32 23.91 24.43
C LEU B 212 -16.72 24.81 23.27
N ALA B 213 -17.20 24.23 22.17
CA ALA B 213 -17.67 25.08 21.06
C ALA B 213 -18.80 26.03 21.48
N GLN B 214 -19.69 25.57 22.36
CA GLN B 214 -20.79 26.40 22.90
C GLN B 214 -20.38 27.62 23.70
N VAL B 215 -19.20 27.58 24.32
CA VAL B 215 -18.74 28.72 25.12
C VAL B 215 -17.64 29.54 24.45
N SER B 216 -17.23 29.16 23.24
CA SER B 216 -16.09 29.81 22.60
C SER B 216 -16.53 30.76 21.49
N GLN B 217 -17.83 31.03 21.40
CA GLN B 217 -18.31 31.85 20.27
C GLN B 217 -17.67 33.24 20.21
N LYS B 218 -17.53 33.91 21.36
CA LYS B 218 -16.96 35.25 21.36
C LYS B 218 -15.47 35.18 21.12
N LEU B 219 -14.85 34.15 21.71
CA LEU B 219 -13.43 33.88 21.48
C LEU B 219 -13.16 33.74 19.99
N MET B 220 -14.02 32.98 19.31
CA MET B 220 -13.89 32.79 17.86
C MET B 220 -14.14 34.08 17.09
N GLU B 221 -15.10 34.88 17.54
CA GLU B 221 -15.36 36.19 16.88
C GLU B 221 -14.15 37.13 17.05
N ILE B 222 -13.58 37.17 18.26
CA ILE B 222 -12.36 37.93 18.50
C ILE B 222 -11.24 37.38 17.64
N ALA B 223 -11.15 36.06 17.59
CA ALA B 223 -10.12 35.40 16.78
C ALA B 223 -10.21 35.76 15.30
N GLN B 224 -11.42 35.81 14.76
CA GLN B 224 -11.62 36.11 13.33
C GLN B 224 -11.23 37.55 13.04
N GLN B 225 -11.63 38.46 13.94
CA GLN B 225 -11.35 39.87 13.73
C GLN B 225 -9.84 40.13 13.82
N GLN B 226 -9.14 39.35 14.65
CA GLN B 226 -7.68 39.42 14.73
C GLN B 226 -7.02 38.86 13.47
N HIS B 227 -7.54 37.73 12.98
CA HIS B 227 -7.11 37.18 11.69
C HIS B 227 -7.28 38.22 10.60
N ALA B 228 -8.38 38.97 10.70
CA ALA B 228 -8.62 40.12 9.84
C ALA B 228 -7.62 41.27 10.12
S SO4 C . 12.41 11.28 25.02
O1 SO4 C . 12.48 12.59 25.67
O2 SO4 C . 13.76 10.82 24.66
O3 SO4 C . 11.82 10.31 25.94
O4 SO4 C . 11.58 11.39 23.80
S SO4 D . 3.94 10.23 26.55
O1 SO4 D . 4.97 10.96 25.83
O2 SO4 D . 4.21 8.80 26.47
O3 SO4 D . 3.95 10.65 27.95
O4 SO4 D . 2.62 10.53 25.99
CA CA E . -1.64 -6.26 -20.48
S SO4 F . -3.01 -11.73 -27.12
O1 SO4 F . -2.61 -12.55 -25.97
O2 SO4 F . -4.23 -10.99 -26.82
O3 SO4 F . -1.92 -10.80 -27.41
O4 SO4 F . -3.25 -12.60 -28.27
S SO4 G . 0.27 -4.53 -30.94
O1 SO4 G . 0.36 -5.74 -31.77
O2 SO4 G . -1.09 -4.01 -31.02
O3 SO4 G . 0.57 -4.86 -29.53
O4 SO4 G . 1.23 -3.54 -31.43
#